data_1TA2
#
_entry.id   1TA2
#
_cell.length_a   70.81
_cell.length_b   72.36
_cell.length_c   72.96
_cell.angle_alpha   90.0
_cell.angle_beta   100.9
_cell.angle_gamma   90.0
#
_symmetry.space_group_name_H-M   'C 1 2 1'
#
loop_
_entity.id
_entity.type
_entity.pdbx_description
1 polymer thrombin
2 polymer Hirudin
3 non-polymer '1-(2-AMINO-3,3-DIPHENYL-PROPIONYL)-PYRROLIDINE-3-CARBOXYLIC ACID 2,5-DICHLORO-BENZYLAMIDE'
4 water water
#
loop_
_entity_poly.entity_id
_entity_poly.type
_entity_poly.pdbx_seq_one_letter_code
_entity_poly.pdbx_strand_id
1 'polypeptide(L)'
;DCGLRPLFEKKSLEDKTERELLESYIDGRIVEGSDAEIGMSPWQVMLFRKSPQELLCGASLISDRWVLTAAHCLLYPPWD
KNFTENDLLVRIGKHSRTRYERNIEKISMLEKIYIHPRYNWRENLDRDIALMKLKKPVAFSDYIHPVCLPDRETAASLLQ
AGYKGRVTGWGNLKETWTANVGKGQPSVLQVVNLPIVERPVCKDSTRIRITDNMFCAGYKPDEGKRGDACEGDSGGPFVM
KSPFNNRWYQMGIVSWGEGCDRDGKYGFYTHVFRLKKWIQKVIDQFG
;
A
2 'polypeptide(L)' DFEEIPEA(TYS)LA B
#
loop_
_chem_comp.id
_chem_comp.type
_chem_comp.name
_chem_comp.formula
176 peptide-like '1-(2-AMINO-3,3-DIPHENYL-PROPIONYL)-PYRROLIDINE-3-CARBOXYLIC ACID 2,5-DICHLORO-BENZYLAMIDE' 'C27 H27 Cl2 N3 O2'
#
# COMPACT_ATOMS: atom_id res chain seq x y z
N ASP A 1 -16.58 -9.96 4.13
CA ASP A 1 -16.82 -8.98 3.05
C ASP A 1 -15.65 -8.19 2.40
N CYS A 2 -14.39 -8.59 2.65
CA CYS A 2 -13.22 -7.85 2.23
C CYS A 2 -13.04 -7.82 0.75
N GLY A 3 -12.36 -6.84 0.20
CA GLY A 3 -12.08 -6.86 -1.20
C GLY A 3 -13.28 -6.75 -2.13
N LEU A 4 -14.58 -6.63 -1.75
CA LEU A 4 -15.62 -6.32 -2.74
C LEU A 4 -16.01 -4.87 -2.53
N ARG A 5 -15.66 -4.10 -3.56
CA ARG A 5 -15.79 -2.67 -3.51
C ARG A 5 -17.24 -2.22 -3.68
N PRO A 6 -17.81 -1.44 -2.77
CA PRO A 6 -19.16 -0.92 -2.89
C PRO A 6 -19.48 -0.39 -4.25
N LEU A 7 -18.57 0.31 -4.93
CA LEU A 7 -18.95 0.99 -6.14
C LEU A 7 -18.62 0.24 -7.39
N PHE A 8 -18.04 -0.93 -7.26
CA PHE A 8 -17.70 -1.62 -8.49
C PHE A 8 -18.23 -3.04 -8.43
N GLU A 9 -17.61 -3.96 -7.72
CA GLU A 9 -18.05 -5.34 -7.62
C GLU A 9 -19.51 -5.51 -7.21
N LYS A 10 -19.92 -4.75 -6.20
CA LYS A 10 -21.27 -4.85 -5.66
C LYS A 10 -22.39 -4.37 -6.55
N LYS A 11 -22.04 -3.68 -7.62
CA LYS A 11 -22.95 -3.13 -8.58
C LYS A 11 -22.59 -3.77 -9.88
N SER A 12 -21.67 -4.73 -9.94
CA SER A 12 -21.23 -5.30 -11.20
C SER A 12 -20.62 -4.30 -12.21
N LEU A 13 -19.93 -3.25 -11.74
CA LEU A 13 -19.21 -2.35 -12.65
C LEU A 13 -17.68 -2.63 -12.59
N GLU A 14 -17.04 -2.72 -13.74
CA GLU A 14 -15.62 -2.90 -13.80
C GLU A 14 -14.97 -1.52 -13.79
N ASP A 15 -13.85 -1.29 -13.01
CA ASP A 15 -13.06 -0.06 -13.17
C ASP A 15 -12.30 -0.05 -14.52
N LYS A 16 -11.73 1.07 -15.03
CA LYS A 16 -11.26 1.04 -16.40
C LYS A 16 -10.01 0.26 -16.73
N THR A 17 -9.21 -0.19 -15.78
CA THR A 17 -8.10 -1.02 -16.17
C THR A 17 -8.15 -2.38 -15.51
N GLU A 18 -9.15 -2.89 -14.77
CA GLU A 18 -8.94 -4.16 -14.10
C GLU A 18 -8.83 -5.31 -15.06
N ARG A 19 -9.31 -5.13 -16.28
CA ARG A 19 -9.22 -6.17 -17.26
C ARG A 19 -7.79 -6.46 -17.67
N GLU A 20 -6.84 -5.50 -17.64
CA GLU A 20 -5.41 -5.71 -17.92
C GLU A 20 -4.84 -6.72 -16.91
N LEU A 21 -5.22 -6.54 -15.65
CA LEU A 21 -4.88 -7.44 -14.56
C LEU A 21 -5.45 -8.79 -14.87
N LEU A 22 -6.76 -8.92 -15.11
CA LEU A 22 -7.35 -10.24 -15.31
C LEU A 22 -6.85 -10.90 -16.57
N GLU A 23 -6.51 -10.13 -17.61
CA GLU A 23 -6.02 -10.69 -18.86
C GLU A 23 -4.62 -11.21 -18.67
N SER A 24 -3.90 -10.84 -17.60
CA SER A 24 -2.53 -11.29 -17.46
C SER A 24 -2.38 -12.61 -16.75
N TYR A 25 -3.45 -13.11 -16.13
CA TYR A 25 -3.37 -14.31 -15.33
C TYR A 25 -3.62 -15.47 -16.26
N ILE A 26 -2.66 -15.71 -17.14
CA ILE A 26 -2.74 -16.70 -18.20
C ILE A 26 -2.57 -18.16 -17.76
N ILE A 30 3.49 8.00 -7.75
CA ILE A 30 3.49 6.91 -8.69
C ILE A 30 4.01 7.64 -9.92
N VAL A 31 4.84 6.94 -10.70
CA VAL A 31 5.45 7.42 -11.91
C VAL A 31 4.78 6.71 -13.05
N GLU A 32 4.32 7.48 -14.03
CA GLU A 32 3.57 6.97 -15.19
C GLU A 32 2.27 6.22 -14.87
N GLY A 33 1.64 6.54 -13.76
CA GLY A 33 0.33 5.99 -13.44
C GLY A 33 -0.77 6.90 -13.98
N SER A 34 -2.01 6.73 -13.58
CA SER A 34 -3.08 7.60 -14.02
C SER A 34 -3.84 7.98 -12.77
N ASP A 35 -4.80 8.89 -12.92
CA ASP A 35 -5.61 9.30 -11.78
C ASP A 35 -6.59 8.21 -11.44
N ALA A 36 -6.81 8.00 -10.17
CA ALA A 36 -7.69 6.92 -9.78
C ALA A 36 -9.15 7.39 -9.91
N GLU A 37 -10.09 6.45 -10.11
CA GLU A 37 -11.50 6.76 -10.12
C GLU A 37 -11.96 6.81 -8.66
N ILE A 38 -13.05 7.48 -8.35
CA ILE A 38 -13.56 7.54 -7.00
C ILE A 38 -13.95 6.10 -6.60
N GLY A 39 -13.81 5.69 -5.34
CA GLY A 39 -14.18 4.38 -4.89
C GLY A 39 -13.35 3.25 -5.49
N MET A 40 -12.30 3.45 -6.31
CA MET A 40 -11.52 2.35 -6.89
C MET A 40 -10.58 1.64 -5.94
N SER A 41 -10.11 2.26 -4.85
CA SER A 41 -9.29 1.57 -3.87
C SER A 41 -9.80 2.03 -2.50
N PRO A 42 -10.94 1.59 -2.02
CA PRO A 42 -11.48 2.05 -0.73
C PRO A 42 -10.69 1.63 0.52
N TRP A 43 -9.70 0.76 0.34
CA TRP A 43 -8.80 0.36 1.40
C TRP A 43 -7.59 1.27 1.55
N GLN A 44 -7.44 2.28 0.71
CA GLN A 44 -6.32 3.19 0.74
C GLN A 44 -6.37 4.15 1.91
N VAL A 45 -5.27 4.27 2.65
CA VAL A 45 -5.15 5.09 3.84
C VAL A 45 -3.99 6.06 3.64
N MET A 46 -4.07 7.27 4.18
CA MET A 46 -2.97 8.21 4.12
C MET A 46 -2.47 8.26 5.52
N LEU A 47 -1.17 8.09 5.76
CA LEU A 47 -0.60 8.34 7.09
C LEU A 47 -0.24 9.83 7.05
N PHE A 48 -0.67 10.57 8.05
CA PHE A 48 -0.51 12.00 8.09
C PHE A 48 0.14 12.45 9.40
N ARG A 49 1.20 13.24 9.28
CA ARG A 49 1.86 13.85 10.42
C ARG A 49 1.12 15.10 10.90
N LYS A 50 0.91 15.24 12.21
CA LYS A 50 0.22 16.40 12.74
C LYS A 50 1.03 17.67 12.71
N SER A 51 2.31 17.72 13.10
CA SER A 51 3.07 18.96 13.06
C SER A 51 4.50 18.78 12.54
N PRO A 52 4.91 19.36 11.41
CA PRO A 52 4.05 20.08 10.48
C PRO A 52 3.02 19.14 9.84
N GLN A 53 1.94 19.66 9.24
CA GLN A 53 0.91 18.77 8.72
C GLN A 53 1.51 18.20 7.45
N GLU A 54 1.72 16.88 7.33
CA GLU A 54 2.27 16.36 6.11
C GLU A 54 2.08 14.87 5.85
N LEU A 55 1.97 14.52 4.56
CA LEU A 55 1.85 13.15 4.13
C LEU A 55 3.12 12.41 4.47
N LEU A 56 2.97 11.38 5.28
CA LEU A 56 4.07 10.50 5.63
C LEU A 56 4.26 9.32 4.68
N CYS A 57 3.14 8.58 4.49
CA CYS A 57 3.14 7.31 3.80
C CYS A 57 1.73 6.96 3.38
N GLY A 58 1.63 5.90 2.58
CA GLY A 58 0.35 5.30 2.27
C GLY A 58 0.16 4.14 3.27
N ALA A 59 -0.95 3.44 3.25
CA ALA A 59 -1.21 2.31 4.13
C ALA A 59 -2.47 1.62 3.61
N SER A 60 -2.98 0.52 4.21
CA SER A 60 -4.23 -0.07 3.77
C SER A 60 -5.10 -0.44 4.97
N LEU A 61 -6.42 -0.38 4.80
CA LEU A 61 -7.39 -0.71 5.81
C LEU A 61 -7.64 -2.22 5.69
N ILE A 62 -7.36 -3.07 6.70
CA ILE A 62 -7.55 -4.49 6.53
C ILE A 62 -8.74 -4.96 7.36
N SER A 63 -9.20 -4.15 8.31
CA SER A 63 -10.38 -4.46 9.09
C SER A 63 -10.82 -3.11 9.61
N ASP A 64 -11.89 -2.97 10.37
CA ASP A 64 -12.29 -1.68 10.91
C ASP A 64 -11.42 -1.12 12.01
N ARG A 65 -10.55 -1.96 12.51
CA ARG A 65 -9.71 -1.57 13.61
C ARG A 65 -8.25 -1.48 13.21
N TRP A 66 -7.82 -2.09 12.12
CA TRP A 66 -6.40 -2.27 11.83
C TRP A 66 -5.96 -1.77 10.47
N VAL A 67 -4.82 -1.05 10.47
CA VAL A 67 -4.15 -0.55 9.27
C VAL A 67 -2.79 -1.24 9.02
N LEU A 68 -2.46 -1.61 7.80
CA LEU A 68 -1.19 -2.26 7.47
C LEU A 68 -0.29 -1.25 6.75
N THR A 69 0.97 -1.10 7.21
CA THR A 69 1.88 -0.21 6.50
C THR A 69 3.31 -0.75 6.47
N ALA A 70 4.26 -0.03 5.87
CA ALA A 70 5.65 -0.41 5.84
C ALA A 70 6.30 0.05 7.13
N ALA A 71 7.02 -0.76 7.92
CA ALA A 71 7.70 -0.37 9.17
C ALA A 71 8.60 0.83 9.03
N HIS A 72 9.13 1.03 7.79
CA HIS A 72 10.06 2.12 7.58
C HIS A 72 9.40 3.47 7.57
N CYS A 73 8.08 3.51 7.58
CA CYS A 73 7.33 4.75 7.62
C CYS A 73 7.37 5.29 9.02
N LEU A 74 7.59 4.38 9.97
CA LEU A 74 7.56 4.70 11.40
C LEU A 74 8.92 4.77 12.08
N LEU A 75 9.84 3.89 11.70
CA LEU A 75 11.14 3.79 12.33
C LEU A 75 12.18 3.53 11.25
N TYR A 76 13.00 4.54 10.97
CA TYR A 76 14.13 4.43 10.09
C TYR A 76 15.20 5.29 10.74
N PRO A 77 16.00 4.74 11.68
CA PRO A 77 17.07 5.45 12.37
C PRO A 77 18.07 6.11 11.43
N PRO A 78 18.53 5.66 10.23
CA PRO A 78 19.36 6.48 9.39
C PRO A 78 18.89 7.92 9.17
N TRP A 79 17.58 8.15 9.12
CA TRP A 79 17.02 9.47 8.89
C TRP A 79 16.35 10.02 10.14
N ASP A 80 16.70 9.49 11.31
CA ASP A 80 16.15 9.86 12.61
C ASP A 80 14.63 9.92 12.63
N LYS A 81 14.08 8.86 12.04
CA LYS A 81 12.65 8.70 11.95
C LYS A 81 12.26 7.64 12.97
N ASN A 82 11.52 8.05 14.00
CA ASN A 82 10.96 7.13 14.97
C ASN A 82 9.69 7.76 15.53
N PHE A 83 8.55 7.49 14.86
CA PHE A 83 7.24 8.01 15.25
C PHE A 83 6.51 7.14 16.23
N THR A 84 5.62 7.76 16.98
CA THR A 84 4.80 7.00 17.91
C THR A 84 3.35 7.38 17.65
N GLU A 85 2.44 6.69 18.33
CA GLU A 85 1.01 6.89 18.25
C GLU A 85 0.54 8.31 18.09
N ASN A 86 0.88 9.19 19.03
CA ASN A 86 0.40 10.56 18.95
C ASN A 86 1.06 11.45 17.92
N ASP A 87 1.95 10.93 17.09
CA ASP A 87 2.64 11.78 16.13
C ASP A 87 1.89 11.92 14.82
N LEU A 88 1.02 10.92 14.66
CA LEU A 88 0.32 10.55 13.45
C LEU A 88 -1.19 10.48 13.56
N LEU A 89 -1.77 10.62 12.37
CA LEU A 89 -3.19 10.45 12.12
C LEU A 89 -3.33 9.61 10.86
N VAL A 90 -4.33 8.74 10.87
CA VAL A 90 -4.65 7.86 9.76
C VAL A 90 -5.86 8.50 9.08
N ARG A 91 -5.86 8.73 7.79
CA ARG A 91 -6.96 9.34 7.13
C ARG A 91 -7.50 8.38 6.08
N ILE A 92 -8.65 7.75 6.32
CA ILE A 92 -9.23 6.76 5.41
C ILE A 92 -10.34 7.33 4.54
N GLY A 93 -10.47 6.94 3.27
CA GLY A 93 -11.58 7.37 2.40
C GLY A 93 -11.28 8.50 1.45
N LYS A 94 -9.98 8.74 1.28
CA LYS A 94 -9.53 9.88 0.51
C LYS A 94 -9.20 9.57 -0.93
N HIS A 95 -9.22 10.66 -1.70
CA HIS A 95 -8.93 10.66 -3.11
C HIS A 95 -7.95 11.82 -3.33
N SER A 96 -8.25 13.01 -2.80
CA SER A 96 -7.44 14.19 -2.97
C SER A 96 -6.32 14.14 -1.97
N ARG A 97 -5.10 14.49 -2.41
CA ARG A 97 -3.93 14.45 -1.53
C ARG A 97 -4.06 15.48 -0.43
N THR A 98 -4.40 16.73 -0.78
CA THR A 98 -4.38 17.85 0.14
C THR A 98 -5.66 18.44 0.72
N ARG A 99 -6.84 17.90 0.46
CA ARG A 99 -7.98 18.64 0.91
C ARG A 99 -8.64 17.93 2.03
N TYR A 100 -9.22 18.61 2.99
CA TYR A 100 -9.97 17.88 3.99
C TYR A 100 -11.29 17.51 3.35
N GLU A 101 -11.42 16.34 2.73
CA GLU A 101 -12.65 15.91 2.06
C GLU A 101 -13.77 15.62 3.06
N ARG A 102 -14.37 16.75 3.50
CA ARG A 102 -15.44 16.85 4.49
C ARG A 102 -16.60 15.98 4.06
N ASN A 103 -17.04 15.20 5.05
CA ASN A 103 -18.17 14.27 4.91
C ASN A 103 -17.80 13.05 4.08
N ILE A 104 -16.67 12.93 3.37
CA ILE A 104 -16.25 11.70 2.72
C ILE A 104 -15.18 10.99 3.59
N GLU A 105 -14.10 11.64 4.02
CA GLU A 105 -13.05 10.97 4.75
C GLU A 105 -13.27 10.91 6.24
N LYS A 106 -12.58 9.98 6.91
CA LYS A 106 -12.55 9.86 8.35
C LYS A 106 -11.07 9.89 8.80
N ILE A 107 -10.76 10.63 9.85
CA ILE A 107 -9.45 10.77 10.42
C ILE A 107 -9.43 9.92 11.70
N SER A 108 -8.48 9.02 11.94
CA SER A 108 -8.48 8.26 13.15
C SER A 108 -7.17 8.49 13.84
N MET A 109 -7.30 8.38 15.15
CA MET A 109 -6.18 8.44 16.04
C MET A 109 -5.74 7.01 16.31
N LEU A 110 -4.45 6.82 16.58
CA LEU A 110 -3.87 5.51 16.83
C LEU A 110 -3.81 5.14 18.29
N GLU A 111 -4.04 3.86 18.52
CA GLU A 111 -3.94 3.30 19.84
C GLU A 111 -2.58 2.62 20.07
N LYS A 112 -2.09 1.82 19.13
CA LYS A 112 -0.83 1.15 19.32
C LYS A 112 -0.26 0.72 17.99
N ILE A 113 1.04 0.94 17.85
CA ILE A 113 1.76 0.63 16.63
C ILE A 113 2.50 -0.65 16.89
N TYR A 114 2.65 -1.55 15.95
CA TYR A 114 3.41 -2.77 16.19
C TYR A 114 4.32 -2.86 15.02
N ILE A 115 5.63 -2.99 15.28
CA ILE A 115 6.58 -3.15 14.21
C ILE A 115 7.04 -4.58 14.24
N HIS A 116 7.26 -5.25 13.11
CA HIS A 116 7.78 -6.61 13.16
C HIS A 116 9.09 -6.64 13.96
N PRO A 117 9.26 -7.45 15.00
CA PRO A 117 10.44 -7.49 15.84
C PRO A 117 11.73 -7.77 15.08
N ARG A 118 11.73 -8.47 13.94
CA ARG A 118 12.93 -8.63 13.13
C ARG A 118 13.00 -7.81 11.86
N TYR A 119 12.33 -6.65 11.92
CA TYR A 119 12.44 -5.66 10.84
C TYR A 119 13.92 -5.28 10.69
N ASN A 120 14.51 -5.40 9.51
CA ASN A 120 15.90 -5.08 9.30
C ASN A 120 16.18 -3.71 8.67
N TRP A 121 16.09 -2.64 9.46
CA TRP A 121 16.39 -1.31 8.94
C TRP A 121 17.85 -1.10 8.66
N ARG A 122 18.72 -1.85 9.34
CA ARG A 122 20.16 -1.73 9.14
C ARG A 122 20.65 -2.11 7.76
N GLU A 123 20.09 -3.14 7.13
CA GLU A 123 20.70 -3.54 5.89
C GLU A 123 19.82 -3.48 4.66
N ASN A 124 18.63 -4.07 4.66
CA ASN A 124 17.88 -4.16 3.42
C ASN A 124 16.37 -4.06 3.51
N LEU A 125 15.85 -3.53 4.64
CA LEU A 125 14.41 -3.41 4.91
C LEU A 125 13.69 -4.76 4.75
N ASP A 126 14.31 -5.76 5.34
CA ASP A 126 13.77 -7.11 5.38
C ASP A 126 12.72 -7.03 6.48
N ARG A 127 11.52 -7.51 6.15
CA ARG A 127 10.34 -7.49 7.03
C ARG A 127 9.89 -6.08 7.38
N ASP A 128 9.78 -5.34 6.29
CA ASP A 128 9.32 -3.98 6.37
C ASP A 128 7.78 -4.05 6.52
N ILE A 129 7.24 -4.27 7.72
CA ILE A 129 5.79 -4.41 7.93
C ILE A 129 5.46 -3.98 9.33
N ALA A 130 4.38 -3.22 9.50
CA ALA A 130 3.96 -2.69 10.79
C ALA A 130 2.45 -2.72 10.78
N LEU A 131 1.83 -2.87 11.93
CA LEU A 131 0.36 -2.88 12.08
C LEU A 131 0.00 -1.71 12.98
N MET A 132 -1.10 -1.04 12.71
CA MET A 132 -1.56 0.02 13.60
C MET A 132 -3.00 -0.22 14.06
N LYS A 133 -3.27 -0.41 15.34
CA LYS A 133 -4.59 -0.59 15.91
C LYS A 133 -5.14 0.81 16.18
N LEU A 134 -6.29 1.11 15.57
CA LEU A 134 -6.93 2.43 15.68
C LEU A 134 -7.66 2.53 17.00
N LYS A 135 -7.91 3.77 17.43
CA LYS A 135 -8.52 3.96 18.72
C LYS A 135 -9.93 3.42 18.79
N LYS A 136 -10.73 3.62 17.75
CA LYS A 136 -12.09 3.12 17.70
C LYS A 136 -12.32 2.72 16.25
N PRO A 137 -13.25 1.81 16.00
CA PRO A 137 -13.57 1.32 14.66
C PRO A 137 -14.06 2.39 13.70
N VAL A 138 -13.62 2.22 12.45
CA VAL A 138 -14.03 3.08 11.35
C VAL A 138 -15.24 2.36 10.85
N ALA A 139 -16.20 3.15 10.39
CA ALA A 139 -17.41 2.59 9.84
C ALA A 139 -17.19 2.59 8.34
N PHE A 140 -17.60 1.52 7.68
CA PHE A 140 -17.38 1.41 6.26
C PHE A 140 -18.38 2.23 5.47
N SER A 141 -18.14 2.47 4.19
CA SER A 141 -18.96 3.34 3.39
C SER A 141 -18.58 2.96 1.99
N ASP A 142 -19.11 3.72 1.03
CA ASP A 142 -18.81 3.57 -0.38
C ASP A 142 -17.34 3.76 -0.74
N TYR A 143 -16.70 4.57 0.10
CA TYR A 143 -15.33 5.05 -0.11
C TYR A 143 -14.32 4.42 0.83
N ILE A 144 -14.82 3.73 1.87
CA ILE A 144 -14.05 3.08 2.92
C ILE A 144 -14.39 1.58 3.05
N HIS A 145 -13.55 0.63 2.65
CA HIS A 145 -13.89 -0.77 2.68
C HIS A 145 -12.57 -1.51 2.78
N PRO A 146 -12.36 -2.54 3.59
CA PRO A 146 -11.12 -3.30 3.69
C PRO A 146 -10.67 -4.18 2.53
N VAL A 147 -9.41 -4.59 2.48
CA VAL A 147 -8.95 -5.48 1.41
C VAL A 147 -8.73 -6.88 2.00
N CYS A 148 -8.69 -7.94 1.21
CA CYS A 148 -8.48 -9.22 1.82
C CYS A 148 -7.01 -9.49 1.90
N LEU A 149 -6.58 -10.02 3.02
CA LEU A 149 -5.23 -10.52 3.15
C LEU A 149 -5.25 -11.88 2.49
N PRO A 150 -4.22 -12.35 1.77
CA PRO A 150 -4.24 -13.63 1.11
C PRO A 150 -4.07 -14.87 2.03
N ASP A 151 -4.54 -16.00 1.51
CA ASP A 151 -4.39 -17.33 2.11
C ASP A 151 -3.31 -18.05 1.29
N ARG A 152 -2.70 -19.12 1.79
CA ARG A 152 -1.69 -19.86 1.05
C ARG A 152 -2.02 -20.21 -0.39
N GLU A 153 -3.26 -20.52 -0.65
CA GLU A 153 -3.62 -20.96 -1.97
C GLU A 153 -3.80 -19.78 -2.91
N THR A 154 -4.33 -18.63 -2.46
CA THR A 154 -4.47 -17.48 -3.34
C THR A 154 -3.06 -16.94 -3.60
N ALA A 155 -2.18 -16.92 -2.58
CA ALA A 155 -0.80 -16.50 -2.74
C ALA A 155 -0.12 -17.35 -3.82
N ALA A 156 -0.23 -18.66 -3.63
CA ALA A 156 0.32 -19.62 -4.55
C ALA A 156 -0.07 -19.49 -6.00
N SER A 157 -1.34 -19.37 -6.32
CA SER A 157 -1.73 -19.24 -7.70
C SER A 157 -1.61 -17.84 -8.25
N LEU A 158 -1.46 -16.78 -7.50
CA LEU A 158 -1.45 -15.50 -8.13
C LEU A 158 -0.09 -14.85 -8.21
N LEU A 159 0.78 -15.04 -7.23
CA LEU A 159 2.04 -14.33 -7.23
C LEU A 159 2.99 -15.11 -8.15
N GLN A 160 2.85 -14.83 -9.44
CA GLN A 160 3.62 -15.48 -10.45
C GLN A 160 4.15 -14.47 -11.43
N ALA A 161 5.35 -14.72 -11.99
CA ALA A 161 5.97 -13.81 -12.92
C ALA A 161 5.08 -13.58 -14.11
N GLY A 162 4.84 -12.31 -14.41
CA GLY A 162 4.01 -11.98 -15.55
C GLY A 162 2.62 -11.46 -15.14
N TYR A 163 2.21 -11.80 -13.92
CA TYR A 163 0.91 -11.46 -13.40
C TYR A 163 1.02 -10.06 -12.83
N LYS A 164 0.08 -9.24 -13.30
CA LYS A 164 0.01 -7.86 -12.91
C LYS A 164 -0.78 -7.72 -11.64
N GLY A 165 -0.33 -6.64 -10.97
CA GLY A 165 -0.84 -6.19 -9.70
C GLY A 165 -0.98 -4.68 -9.78
N ARG A 166 -1.49 -4.01 -8.77
CA ARG A 166 -1.82 -2.62 -8.89
C ARG A 166 -1.36 -1.97 -7.63
N VAL A 167 -0.70 -0.80 -7.81
CA VAL A 167 -0.05 -0.01 -6.75
C VAL A 167 -0.70 1.35 -6.73
N THR A 168 -0.91 1.96 -5.58
CA THR A 168 -1.58 3.25 -5.56
C THR A 168 -0.94 4.16 -4.53
N GLY A 169 -0.99 5.47 -4.66
CA GLY A 169 -0.40 6.35 -3.67
C GLY A 169 -0.40 7.79 -4.13
N TRP A 170 -0.13 8.70 -3.18
CA TRP A 170 -0.13 10.14 -3.37
C TRP A 170 1.27 10.74 -3.42
N GLY A 171 2.27 9.86 -3.47
CA GLY A 171 3.66 10.26 -3.59
C GLY A 171 4.05 10.83 -4.96
N ASN A 172 5.34 10.91 -5.11
CA ASN A 172 5.96 11.59 -6.22
C ASN A 172 5.68 11.01 -7.57
N LEU A 173 5.41 11.97 -8.42
CA LEU A 173 5.12 11.72 -9.82
C LEU A 173 6.36 11.49 -10.67
N LYS A 174 7.51 11.81 -10.11
CA LYS A 174 8.81 11.72 -10.77
C LYS A 174 9.77 11.66 -9.63
N GLU A 175 10.92 11.12 -9.97
CA GLU A 175 12.08 10.99 -9.09
C GLU A 175 12.77 12.36 -8.90
N GLY A 184 6.49 17.64 -8.52
CA GLY A 184 5.07 17.69 -8.34
C GLY A 184 4.69 16.31 -7.80
N GLN A 185 3.89 16.43 -6.76
CA GLN A 185 3.20 15.31 -6.15
C GLN A 185 1.83 15.47 -6.82
N PRO A 186 0.96 14.47 -6.91
CA PRO A 186 -0.30 14.60 -7.62
C PRO A 186 -1.40 15.35 -6.87
N SER A 187 -2.46 15.60 -7.61
CA SER A 187 -3.62 16.25 -7.03
C SER A 187 -4.45 15.19 -6.31
N VAL A 188 -4.68 14.07 -6.97
CA VAL A 188 -5.52 13.00 -6.45
C VAL A 188 -4.69 11.73 -6.51
N LEU A 189 -5.26 10.71 -5.86
CA LEU A 189 -4.68 9.38 -5.84
C LEU A 189 -4.34 8.89 -7.25
N GLN A 190 -3.14 8.38 -7.42
CA GLN A 190 -2.68 7.81 -8.69
C GLN A 190 -2.68 6.30 -8.56
N VAL A 191 -2.65 5.59 -9.70
CA VAL A 191 -2.67 4.15 -9.75
C VAL A 191 -1.83 3.69 -10.93
N VAL A 192 -1.12 2.55 -10.79
CA VAL A 192 -0.38 1.92 -11.87
C VAL A 192 -0.46 0.38 -11.71
N ASN A 193 -0.44 -0.38 -12.82
CA ASN A 193 -0.55 -1.83 -12.88
C ASN A 193 0.78 -2.31 -13.39
N LEU A 194 1.47 -3.13 -12.61
CA LEU A 194 2.85 -3.51 -12.90
C LEU A 194 2.91 -5.01 -12.93
N PRO A 195 3.69 -5.62 -13.82
CA PRO A 195 3.90 -7.07 -13.80
C PRO A 195 4.82 -7.55 -12.70
N ILE A 196 4.60 -8.69 -12.07
CA ILE A 196 5.58 -9.26 -11.13
C ILE A 196 6.77 -9.82 -11.95
N VAL A 197 7.99 -9.71 -11.41
CA VAL A 197 9.21 -10.07 -12.11
C VAL A 197 9.81 -11.28 -11.42
N GLU A 198 10.48 -12.06 -12.24
CA GLU A 198 11.19 -13.26 -11.79
C GLU A 198 12.30 -12.91 -10.78
N ARG A 199 12.36 -13.56 -9.60
CA ARG A 199 13.42 -13.37 -8.63
C ARG A 199 14.84 -13.22 -9.19
N PRO A 200 15.35 -14.04 -10.14
CA PRO A 200 16.59 -13.86 -10.90
C PRO A 200 16.90 -12.43 -11.32
N VAL A 201 15.98 -11.97 -12.15
CA VAL A 201 16.02 -10.63 -12.69
C VAL A 201 16.02 -9.64 -11.53
N CYS A 202 15.23 -9.92 -10.48
CA CYS A 202 15.16 -9.03 -9.36
C CYS A 202 16.52 -8.91 -8.70
N LYS A 203 17.15 -10.04 -8.35
CA LYS A 203 18.48 -10.13 -7.75
C LYS A 203 19.59 -9.49 -8.62
N ASP A 204 19.66 -9.75 -9.92
CA ASP A 204 20.60 -9.15 -10.88
C ASP A 204 20.49 -7.66 -11.19
N SER A 205 19.45 -6.99 -10.72
CA SER A 205 19.28 -5.58 -10.94
C SER A 205 19.82 -4.85 -9.76
N THR A 206 20.26 -5.44 -8.65
CA THR A 206 20.66 -4.61 -7.52
C THR A 206 21.82 -5.27 -6.80
N ARG A 207 22.38 -4.41 -5.96
CA ARG A 207 23.44 -4.75 -5.04
C ARG A 207 22.92 -5.09 -3.66
N ILE A 208 21.61 -4.85 -3.39
CA ILE A 208 21.02 -5.11 -2.06
C ILE A 208 20.73 -6.61 -1.98
N ARG A 209 20.99 -7.24 -0.86
CA ARG A 209 20.73 -8.67 -0.68
C ARG A 209 19.20 -8.88 -0.60
N ILE A 210 18.59 -9.55 -1.55
CA ILE A 210 17.17 -9.76 -1.53
C ILE A 210 16.87 -11.02 -0.73
N THR A 211 15.82 -10.98 0.10
CA THR A 211 15.44 -12.08 0.95
C THR A 211 14.10 -12.66 0.51
N ASP A 212 13.59 -13.74 1.09
CA ASP A 212 12.34 -14.33 0.61
C ASP A 212 11.08 -13.60 0.98
N ASN A 213 11.21 -12.64 1.87
CA ASN A 213 10.13 -11.80 2.33
C ASN A 213 9.93 -10.60 1.41
N MET A 214 10.24 -10.68 0.13
CA MET A 214 10.24 -9.54 -0.76
C MET A 214 9.99 -10.07 -2.14
N PHE A 215 9.41 -9.26 -3.03
CA PHE A 215 9.38 -9.62 -4.45
C PHE A 215 9.48 -8.26 -5.16
N CYS A 216 9.72 -8.24 -6.47
CA CYS A 216 9.87 -7.00 -7.20
C CYS A 216 8.93 -6.94 -8.39
N ALA A 217 8.55 -5.73 -8.76
CA ALA A 217 7.60 -5.52 -9.82
C ALA A 217 8.03 -4.39 -10.73
N GLY A 218 7.70 -4.52 -11.99
CA GLY A 218 7.97 -3.51 -12.97
C GLY A 218 8.17 -4.15 -14.33
N TYR A 219 8.08 -3.29 -15.35
CA TYR A 219 8.27 -3.71 -16.73
C TYR A 219 9.79 -3.73 -17.01
N LYS A 220 10.20 -4.65 -17.90
CA LYS A 220 11.60 -4.74 -18.35
C LYS A 220 11.86 -3.52 -19.25
N PRO A 221 13.10 -2.94 -19.41
CA PRO A 221 13.41 -1.80 -20.26
C PRO A 221 12.96 -1.96 -21.71
N ASP A 222 12.93 -3.22 -22.16
CA ASP A 222 12.43 -3.50 -23.49
C ASP A 222 10.93 -3.69 -23.58
N GLU A 223 10.17 -3.89 -22.50
CA GLU A 223 8.73 -4.07 -22.57
C GLU A 223 7.96 -2.83 -22.98
N GLY A 224 8.61 -1.66 -22.98
CA GLY A 224 7.96 -0.49 -23.53
C GLY A 224 7.03 0.22 -22.57
N LYS A 225 6.17 -0.49 -21.85
CA LYS A 225 5.39 0.16 -20.82
C LYS A 225 6.37 0.46 -19.71
N ARG A 226 5.97 1.36 -18.85
CA ARG A 226 6.75 1.69 -17.70
C ARG A 226 5.89 2.15 -16.52
N GLY A 227 6.43 2.31 -15.33
CA GLY A 227 5.68 2.84 -14.21
C GLY A 227 6.35 2.33 -12.95
N ASP A 228 6.14 2.93 -11.79
CA ASP A 228 6.75 2.47 -10.57
C ASP A 228 6.16 3.31 -9.45
N ALA A 229 6.51 2.93 -8.24
CA ALA A 229 6.24 3.66 -7.02
C ALA A 229 7.39 4.67 -6.88
N CYS A 230 7.37 5.59 -5.94
CA CYS A 230 8.39 6.61 -5.78
C CYS A 230 8.25 7.15 -4.37
N GLU A 231 9.00 8.19 -4.01
CA GLU A 231 9.02 8.70 -2.66
C GLU A 231 7.62 9.12 -2.23
N GLY A 232 7.12 8.81 -1.03
CA GLY A 232 5.76 9.21 -0.62
C GLY A 232 4.73 8.09 -0.71
N ASP A 233 4.99 7.16 -1.63
CA ASP A 233 4.17 5.97 -1.88
C ASP A 233 4.35 4.82 -0.93
N SER A 234 5.49 4.79 -0.25
CA SER A 234 5.87 3.79 0.75
C SER A 234 4.69 3.38 1.66
N GLY A 235 4.53 2.09 1.98
CA GLY A 235 3.45 1.69 2.89
C GLY A 235 2.13 1.42 2.21
N GLY A 236 2.00 1.74 0.94
CA GLY A 236 0.76 1.52 0.27
C GLY A 236 0.70 0.09 -0.18
N PRO A 237 -0.48 -0.30 -0.67
CA PRO A 237 -0.76 -1.65 -1.13
C PRO A 237 -0.38 -2.06 -2.53
N PHE A 238 0.12 -3.27 -2.77
CA PHE A 238 0.22 -3.84 -4.11
C PHE A 238 -0.93 -4.86 -4.03
N VAL A 239 -1.98 -4.78 -4.85
CA VAL A 239 -3.16 -5.64 -4.70
C VAL A 239 -3.39 -6.38 -5.98
N MET A 240 -3.99 -7.58 -5.89
CA MET A 240 -4.37 -8.36 -7.05
C MET A 240 -5.86 -8.79 -6.98
N LYS A 241 -6.58 -8.90 -8.07
CA LYS A 241 -7.95 -9.38 -8.03
C LYS A 241 -7.98 -10.88 -8.28
N SER A 242 -8.56 -11.74 -7.44
CA SER A 242 -8.67 -13.14 -7.77
C SER A 242 -9.67 -13.42 -8.90
N PRO A 243 -9.24 -14.17 -9.91
CA PRO A 243 -10.13 -14.64 -10.93
C PRO A 243 -11.05 -15.77 -10.38
N PHE A 244 -10.91 -16.29 -9.14
CA PHE A 244 -11.72 -17.36 -8.59
C PHE A 244 -12.89 -16.81 -7.82
N ASN A 245 -12.72 -15.87 -6.88
CA ASN A 245 -13.88 -15.35 -6.16
C ASN A 245 -14.14 -13.85 -6.35
N ASN A 246 -13.42 -13.21 -7.30
CA ASN A 246 -13.51 -11.78 -7.60
C ASN A 246 -13.20 -10.70 -6.60
N ARG A 247 -12.45 -11.01 -5.58
CA ARG A 247 -12.12 -10.07 -4.52
C ARG A 247 -10.69 -9.60 -4.75
N TRP A 248 -10.36 -8.51 -4.06
CA TRP A 248 -9.03 -7.94 -4.12
C TRP A 248 -8.26 -8.39 -2.90
N TYR A 249 -7.08 -8.90 -3.14
CA TYR A 249 -6.22 -9.35 -2.08
C TYR A 249 -4.98 -8.46 -2.09
N GLN A 250 -4.41 -8.13 -0.92
CA GLN A 250 -3.15 -7.39 -0.88
C GLN A 250 -1.94 -8.33 -0.83
N MET A 251 -1.16 -8.40 -1.90
CA MET A 251 -0.02 -9.27 -1.88
C MET A 251 1.27 -8.63 -1.43
N GLY A 252 1.46 -7.30 -1.57
CA GLY A 252 2.72 -6.68 -1.22
C GLY A 252 2.57 -5.33 -0.50
N ILE A 253 3.59 -4.81 0.19
CA ILE A 253 3.59 -3.46 0.76
C ILE A 253 4.73 -2.76 0.06
N VAL A 254 4.54 -1.56 -0.52
CA VAL A 254 5.59 -0.76 -1.20
C VAL A 254 6.73 -0.55 -0.21
N SER A 255 7.91 -1.15 -0.48
CA SER A 255 9.05 -1.09 0.42
C SER A 255 10.22 -0.21 -0.08
N TRP A 256 10.92 -0.54 -1.17
CA TRP A 256 12.10 0.21 -1.54
C TRP A 256 12.40 0.12 -3.01
N GLY A 257 13.16 1.10 -3.49
CA GLY A 257 13.56 1.12 -4.85
C GLY A 257 14.83 1.95 -4.92
N GLU A 258 15.46 1.97 -6.09
CA GLU A 258 16.64 2.73 -6.43
C GLU A 258 16.20 3.79 -7.44
N GLY A 259 15.76 4.93 -6.93
CA GLY A 259 15.10 5.90 -7.78
C GLY A 259 13.65 5.49 -8.12
N CYS A 260 13.00 6.13 -9.08
CA CYS A 260 11.63 5.82 -9.40
C CYS A 260 11.56 5.65 -10.89
N ASP A 261 11.38 4.44 -11.41
CA ASP A 261 11.20 4.09 -12.82
C ASP A 261 12.45 4.25 -13.72
N ARG A 262 13.59 3.93 -13.13
CA ARG A 262 14.80 3.82 -13.91
C ARG A 262 14.75 2.53 -14.73
N ASP A 263 15.34 2.49 -15.92
CA ASP A 263 15.34 1.25 -16.70
C ASP A 263 16.30 0.25 -16.12
N GLY A 264 15.95 -1.03 -16.21
CA GLY A 264 16.76 -2.05 -15.59
C GLY A 264 16.53 -2.11 -14.09
N LYS A 265 15.82 -1.18 -13.40
CA LYS A 265 15.53 -1.29 -11.99
C LYS A 265 14.02 -1.56 -11.80
N TYR A 266 13.73 -2.12 -10.62
CA TYR A 266 12.40 -2.62 -10.24
C TYR A 266 12.09 -2.25 -8.81
N GLY A 267 10.81 -2.19 -8.44
CA GLY A 267 10.45 -1.84 -7.07
C GLY A 267 10.33 -3.12 -6.28
N PHE A 268 10.53 -3.04 -4.97
CA PHE A 268 10.52 -4.18 -4.10
C PHE A 268 9.46 -3.97 -3.08
N TYR A 269 8.76 -5.06 -2.80
CA TYR A 269 7.58 -5.01 -1.98
C TYR A 269 7.69 -6.01 -0.83
N THR A 270 7.23 -5.71 0.40
CA THR A 270 7.11 -6.71 1.44
C THR A 270 6.12 -7.83 1.04
N HIS A 271 6.50 -9.10 1.10
CA HIS A 271 5.65 -10.21 0.72
C HIS A 271 4.67 -10.43 1.90
N VAL A 272 3.43 -9.95 1.82
CA VAL A 272 2.47 -10.00 2.91
C VAL A 272 2.19 -11.45 3.25
N PHE A 273 1.95 -12.37 2.31
CA PHE A 273 1.69 -13.75 2.72
C PHE A 273 2.78 -14.38 3.60
N ARG A 274 4.05 -14.28 3.21
CA ARG A 274 5.17 -14.77 4.01
C ARG A 274 5.17 -14.18 5.42
N LEU A 275 4.57 -13.03 5.70
CA LEU A 275 4.57 -12.55 7.07
C LEU A 275 3.18 -12.64 7.71
N LYS A 276 2.21 -13.38 7.14
CA LYS A 276 0.86 -13.50 7.67
C LYS A 276 0.77 -14.10 9.06
N LYS A 277 1.70 -14.98 9.40
CA LYS A 277 1.69 -15.57 10.71
C LYS A 277 1.97 -14.52 11.77
N TRP A 278 2.89 -13.59 11.52
CA TRP A 278 3.13 -12.56 12.50
C TRP A 278 1.90 -11.66 12.55
N ILE A 279 1.22 -11.43 11.43
CA ILE A 279 0.03 -10.56 11.40
C ILE A 279 -1.13 -11.18 12.19
N GLN A 280 -1.39 -12.48 12.05
CA GLN A 280 -2.39 -13.20 12.84
C GLN A 280 -2.09 -13.09 14.31
N LYS A 281 -0.88 -13.51 14.67
CA LYS A 281 -0.37 -13.48 16.01
C LYS A 281 -0.59 -12.11 16.60
N VAL A 282 -0.25 -10.99 15.97
CA VAL A 282 -0.53 -9.70 16.58
C VAL A 282 -2.04 -9.39 16.65
N ILE A 283 -2.85 -9.65 15.63
CA ILE A 283 -4.25 -9.30 15.68
C ILE A 283 -4.95 -10.08 16.78
N ASP A 284 -4.86 -11.40 16.85
CA ASP A 284 -5.65 -12.06 17.86
C ASP A 284 -5.15 -11.90 19.27
N GLN A 285 -3.86 -11.73 19.47
CA GLN A 285 -3.35 -11.51 20.79
C GLN A 285 -3.64 -10.06 21.22
N PHE A 286 -3.98 -9.12 20.34
CA PHE A 286 -4.22 -7.73 20.76
C PHE A 286 -5.54 -7.09 20.35
N GLY A 287 -6.41 -7.82 19.67
CA GLY A 287 -7.72 -7.31 19.31
C GLY A 287 -8.08 -7.68 17.88
N ASP B 1 1.18 22.13 1.47
CA ASP B 1 -0.05 22.75 1.01
C ASP B 1 -1.29 21.97 1.48
N PHE B 2 -1.28 21.44 2.70
CA PHE B 2 -2.38 20.61 3.18
C PHE B 2 -3.43 21.55 3.70
N GLU B 3 -4.68 21.25 3.47
CA GLU B 3 -5.74 22.06 4.00
C GLU B 3 -5.90 21.62 5.45
N GLU B 4 -6.12 22.65 6.26
CA GLU B 4 -6.29 22.59 7.71
C GLU B 4 -7.36 21.58 8.05
N ILE B 5 -6.96 20.56 8.78
CA ILE B 5 -7.91 19.53 9.19
C ILE B 5 -8.57 20.06 10.46
N PRO B 6 -9.79 19.64 10.84
CA PRO B 6 -10.38 19.96 12.15
C PRO B 6 -9.56 19.65 13.40
N GLU B 7 -9.46 20.74 14.20
CA GLU B 7 -8.79 20.77 15.49
C GLU B 7 -9.23 19.64 16.41
N ALA B 8 -10.48 19.22 16.29
CA ALA B 8 -11.03 18.07 17.00
C ALA B 8 -10.15 16.82 16.91
N TYS B 9 -9.51 16.65 15.76
CA TYS B 9 -8.64 15.52 15.48
CB TYS B 9 -8.65 15.32 13.98
CG TYS B 9 -10.01 14.90 13.47
CD1 TYS B 9 -10.56 13.69 13.86
CD2 TYS B 9 -10.68 15.70 12.57
CE1 TYS B 9 -11.78 13.27 13.35
CE2 TYS B 9 -11.88 15.28 12.06
CZ TYS B 9 -12.42 14.06 12.43
OH TYS B 9 -13.48 13.66 11.92
S TYS B 9 -13.59 12.99 10.61
O1 TYS B 9 -13.44 11.58 10.88
O2 TYS B 9 -12.66 13.40 9.59
O3 TYS B 9 -14.92 13.18 10.06
C TYS B 9 -7.21 15.69 15.96
O TYS B 9 -6.50 14.73 16.26
N LEU B 10 -6.83 16.95 15.98
CA LEU B 10 -5.50 17.40 16.37
C LEU B 10 -5.35 17.55 17.87
N ALA B 11 -6.43 17.26 18.61
CA ALA B 11 -6.51 17.52 20.03
C ALA B 11 -5.99 16.37 20.90
CD1 176 C . 17.63 1.85 1.36
CE1 176 C . 17.89 1.08 2.47
CZ1 176 C . 17.70 -0.28 2.43
CE2 176 C . 17.26 -0.87 1.27
CD2 176 C . 17.01 -0.09 0.16
CG1 176 C . 17.21 1.27 0.18
CB0 176 C . 16.99 2.09 -1.09
CA0 176 C . 16.31 3.49 -0.95
C0 176 C . 14.85 3.34 -0.62
O0 176 C . 14.03 2.95 -1.48
N0 176 C . 16.32 4.20 -2.22
CG2 176 C . 18.29 2.09 -1.89
CD3 176 C . 19.21 3.12 -1.75
CE3 176 C . 20.39 3.07 -2.49
CZ2 176 C . 20.64 2.01 -3.32
CE4 176 C . 19.72 0.97 -3.43
CD4 176 C . 18.54 1.01 -2.72
N 176 C . 14.45 3.60 0.64
CA 176 C . 13.06 3.58 1.06
C 176 C . 12.09 4.36 0.16
O 176 C . 12.11 5.59 0.19
CB 176 C . 13.12 4.11 2.50
CG 176 C . 14.47 3.66 2.96
CD 176 C . 15.29 4.05 1.75
N' 176 C . 11.20 3.66 -0.58
CA' 176 C . 10.22 4.27 -1.45
CB' 176 C . 10.20 3.63 -2.84
CG' 176 C . 10.78 4.19 -3.93
CD' 176 C . 10.80 3.66 -5.21
CE' 176 C . 10.18 2.44 -5.42
CDB 176 C . 9.59 1.85 -4.33
CGB 176 C . 9.60 2.43 -3.07
CL1 176 C . 11.48 5.71 -3.68
CL2 176 C . 8.79 0.35 -4.50
#